data_1JVE
#
_entry.id   1JVE
#
_cell.length_a   1.000
_cell.length_b   1.000
_cell.length_c   1.000
_cell.angle_alpha   90.00
_cell.angle_beta   90.00
_cell.angle_gamma   90.00
#
_symmetry.space_group_name_H-M   'P 1'
#
_entity_poly.entity_id   1
_entity_poly.type   'polydeoxyribonucleotide'
_entity_poly.pdbx_seq_one_letter_code
;(DC)(DC)(DT)(DA)(DA)(DT)(DT)(DA)(DT)(DA)(DA)(DC)(DG)(DA)(DA)(DG)(DT)(DT)(DA)(DT)
(DA)(DA)(DT)(DT)(DA)(DG)(DG)
;
_entity_poly.pdbx_strand_id   A
#
loop_
_chem_comp.id
_chem_comp.type
_chem_comp.name
_chem_comp.formula
DA DNA linking 2'-DEOXYADENOSINE-5'-MONOPHOSPHATE 'C10 H14 N5 O6 P'
DC DNA linking 2'-DEOXYCYTIDINE-5'-MONOPHOSPHATE 'C9 H14 N3 O7 P'
DG DNA linking 2'-DEOXYGUANOSINE-5'-MONOPHOSPHATE 'C10 H14 N5 O7 P'
DT DNA linking THYMIDINE-5'-MONOPHOSPHATE 'C10 H15 N2 O8 P'
#